data_5TQ4
#
_entry.id   5TQ4
#
_cell.length_a   38.884
_cell.length_b   103.964
_cell.length_c   190.977
_cell.angle_alpha   90.00
_cell.angle_beta   90.00
_cell.angle_gamma   90.00
#
_symmetry.space_group_name_H-M   'C 2 2 21'
#
loop_
_entity.id
_entity.type
_entity.pdbx_description
1 polymer 'Tyrosine-protein kinase JAK2'
2 non-polymer 6-(2-ethyl-4-hydroxyphenyl)-1H-indazole-3-carboxamide
3 water water
#
_entity_poly.entity_id   1
_entity_poly.type   'polypeptide(L)'
_entity_poly.pdbx_seq_one_letter_code
;GSEDRDPTQFEERHLKFLQQLGKGNFGSVEMCRYDPLQDNTGEVVAVKKLQHSTEEHLRDFEREIEILKSLQHDNIVKYK
GVCYSAGRRNLKLIMEYLPYGSLRDYLQKHKERIDHIKLLQYTSQICKGMEYLGTKRYIHRDLATRNILVENENRVKIGD
FGLTKVLPQDKE(PTR)(PTR)KVKEPGESPIFWYAPESLTESKFSVASDVWSFGVVLYELFTYIEKSKSPPAEFMRMIG
NDKQGQSIVTHLIELLKNNGRLPRPDGCPDEIYMIMTECWNNNVNQRPSFRDLALRVDQIRDNMAG
;
_entity_poly.pdbx_strand_id   A
#
loop_
_chem_comp.id
_chem_comp.type
_chem_comp.name
_chem_comp.formula
7GY non-polymer 6-(2-ethyl-4-hydroxyphenyl)-1H-indazole-3-carboxamide 'C16 H15 N3 O2'
#
# COMPACT_ATOMS: atom_id res chain seq x y z
N PRO A 7 -17.44 9.27 18.79
CA PRO A 7 -17.80 9.26 20.22
C PRO A 7 -16.74 9.84 21.17
N THR A 8 -15.63 10.37 20.64
CA THR A 8 -14.56 10.93 21.49
C THR A 8 -13.57 11.81 20.71
N GLN A 9 -13.35 13.03 21.21
CA GLN A 9 -12.37 13.97 20.67
C GLN A 9 -11.17 14.03 21.62
N PHE A 10 -9.97 14.18 21.05
CA PHE A 10 -8.73 14.21 21.83
C PHE A 10 -8.21 15.65 21.94
N GLU A 11 -7.56 16.00 23.04
CA GLU A 11 -6.96 17.33 23.19
C GLU A 11 -5.45 17.32 23.42
N GLU A 12 -4.82 18.40 22.93
CA GLU A 12 -3.37 18.53 22.84
C GLU A 12 -2.61 18.35 24.16
N ARG A 13 -3.19 18.82 25.27
CA ARG A 13 -2.46 18.85 26.55
C ARG A 13 -2.30 17.47 27.22
N HIS A 14 -2.98 16.44 26.74
CA HIS A 14 -2.82 15.07 27.27
C HIS A 14 -2.02 14.11 26.35
N LEU A 15 -1.51 14.62 25.24
CA LEU A 15 -0.69 13.85 24.28
C LEU A 15 0.81 13.99 24.60
N LYS A 16 1.48 12.87 24.92
CA LYS A 16 2.91 12.89 25.33
C LYS A 16 3.83 12.18 24.32
N PHE A 17 4.87 12.87 23.85
CA PHE A 17 5.82 12.33 22.84
C PHE A 17 6.71 11.20 23.40
N LEU A 18 6.81 10.09 22.65
CA LEU A 18 7.70 8.97 23.01
C LEU A 18 8.85 8.78 22.01
N GLN A 19 8.54 8.67 20.70
CA GLN A 19 9.60 8.59 19.67
C GLN A 19 9.08 8.71 18.22
N GLN A 20 10.04 8.93 17.31
CA GLN A 20 9.76 9.08 15.87
C GLN A 20 9.44 7.76 15.19
N LEU A 21 8.51 7.79 14.22
CA LEU A 21 8.19 6.61 13.40
C LEU A 21 8.40 6.79 11.89
N GLY A 22 8.47 8.02 11.40
CA GLY A 22 8.67 8.25 9.95
C GLY A 22 8.42 9.69 9.53
N LYS A 23 8.88 10.03 8.32
CA LYS A 23 8.75 11.40 7.78
C LYS A 23 8.89 11.46 6.26
N GLY A 24 8.17 12.40 5.64
CA GLY A 24 8.27 12.68 4.20
C GLY A 24 8.43 14.17 3.96
N ASN A 25 8.10 14.62 2.74
CA ASN A 25 8.26 16.03 2.37
C ASN A 25 7.16 16.94 2.93
N PHE A 26 5.94 16.41 3.10
CA PHE A 26 4.82 17.21 3.59
C PHE A 26 4.21 16.75 4.94
N GLY A 27 4.63 15.60 5.47
CA GLY A 27 4.06 15.09 6.73
C GLY A 27 4.98 14.16 7.52
N SER A 28 4.57 13.81 8.74
CA SER A 28 5.34 12.91 9.62
C SER A 28 4.43 12.12 10.58
N VAL A 29 4.98 11.03 11.14
CA VAL A 29 4.23 10.13 12.03
C VAL A 29 5.00 9.92 13.36
N GLU A 30 4.28 9.93 14.49
CA GLU A 30 4.91 9.83 15.83
C GLU A 30 4.20 8.84 16.77
N MET A 31 4.97 8.26 17.70
CA MET A 31 4.46 7.37 18.77
C MET A 31 4.21 8.20 20.03
N CYS A 32 2.97 8.23 20.52
CA CYS A 32 2.60 9.00 21.72
C CYS A 32 1.73 8.21 22.71
N ARG A 33 1.65 8.70 23.94
CA ARG A 33 0.77 8.16 24.99
C ARG A 33 -0.33 9.18 25.32
N TYR A 34 -1.60 8.78 25.21
CA TYR A 34 -2.72 9.66 25.64
C TYR A 34 -3.02 9.40 27.11
N ASP A 35 -2.83 10.43 27.93
CA ASP A 35 -2.77 10.25 29.39
C ASP A 35 -3.57 11.31 30.15
N PRO A 36 -4.91 11.20 30.16
CA PRO A 36 -5.75 12.19 30.84
C PRO A 36 -5.75 12.13 32.37
N LEU A 37 -5.32 11.01 32.97
CA LEU A 37 -5.15 10.95 34.43
C LEU A 37 -3.77 11.42 34.88
N GLN A 38 -2.85 11.61 33.92
CA GLN A 38 -1.52 12.15 34.17
C GLN A 38 -0.68 11.28 35.13
N ASP A 39 -0.83 9.95 35.01
CA ASP A 39 -0.07 9.01 35.85
C ASP A 39 0.68 7.93 35.04
N ASN A 40 0.84 8.18 33.74
CA ASN A 40 1.52 7.26 32.81
C ASN A 40 0.94 5.84 32.68
N THR A 41 -0.37 5.68 32.90
CA THR A 41 -1.05 4.39 32.64
C THR A 41 -1.78 4.36 31.29
N GLY A 42 -1.76 5.47 30.54
CA GLY A 42 -2.56 5.61 29.33
C GLY A 42 -2.19 4.73 28.14
N GLU A 43 -3.08 4.67 27.16
CA GLU A 43 -2.93 3.86 25.95
C GLU A 43 -1.94 4.50 24.96
N VAL A 44 -1.17 3.67 24.26
CA VAL A 44 -0.22 4.15 23.24
C VAL A 44 -0.87 4.18 21.85
N VAL A 45 -0.61 5.25 21.08
CA VAL A 45 -1.24 5.49 19.77
C VAL A 45 -0.23 6.05 18.74
N ALA A 46 -0.65 6.10 17.46
CA ALA A 46 0.15 6.69 16.38
C ALA A 46 -0.52 7.95 15.79
N VAL A 47 0.26 9.00 15.53
CA VAL A 47 -0.28 10.34 15.22
C VAL A 47 0.34 10.97 13.95
N LYS A 48 -0.50 11.42 13.01
CA LYS A 48 -0.04 12.14 11.78
C LYS A 48 -0.35 13.65 11.81
N LYS A 49 0.57 14.45 11.28
CA LYS A 49 0.38 15.90 11.07
C LYS A 49 1.16 16.41 9.84
N LEU A 50 0.77 17.58 9.32
CA LEU A 50 1.38 18.15 8.11
C LEU A 50 2.47 19.19 8.42
N GLN A 51 3.54 19.20 7.62
CA GLN A 51 4.63 20.16 7.76
C GLN A 51 4.30 21.43 6.99
N HIS A 52 4.07 21.28 5.69
CA HIS A 52 3.73 22.39 4.80
C HIS A 52 2.24 22.36 4.48
N SER A 53 1.48 23.28 5.06
CA SER A 53 0.03 23.32 4.87
C SER A 53 -0.39 24.28 3.76
N THR A 54 -0.63 23.70 2.59
CA THR A 54 -1.23 24.40 1.46
C THR A 54 -2.72 24.05 1.54
N GLU A 55 -3.58 24.98 1.13
CA GLU A 55 -5.04 24.74 1.20
C GLU A 55 -5.41 23.42 0.51
N GLU A 56 -4.78 23.18 -0.64
CA GLU A 56 -4.89 21.91 -1.37
C GLU A 56 -4.55 20.66 -0.53
N HIS A 57 -3.35 20.63 0.08
CA HIS A 57 -2.93 19.47 0.87
C HIS A 57 -3.80 19.26 2.10
N LEU A 58 -4.21 20.37 2.74
CA LEU A 58 -5.10 20.33 3.90
C LEU A 58 -6.48 19.75 3.53
N ARG A 59 -6.93 20.05 2.31
CA ARG A 59 -8.18 19.52 1.79
C ARG A 59 -8.09 18.01 1.52
N ASP A 60 -6.98 17.57 0.94
CA ASP A 60 -6.74 16.14 0.73
C ASP A 60 -6.68 15.36 2.06
N PHE A 61 -6.11 15.97 3.09
CA PHE A 61 -6.00 15.33 4.42
C PHE A 61 -7.39 15.05 5.02
N GLU A 62 -8.30 16.01 4.92
CA GLU A 62 -9.66 15.85 5.46
C GLU A 62 -10.49 14.79 4.70
N ARG A 63 -10.20 14.58 3.40
CA ARG A 63 -10.83 13.49 2.63
C ARG A 63 -10.32 12.11 3.02
N GLU A 64 -9.02 12.01 3.33
CA GLU A 64 -8.42 10.77 3.84
C GLU A 64 -9.14 10.30 5.11
N ILE A 65 -9.47 11.25 5.98
CA ILE A 65 -10.09 10.96 7.27
C ILE A 65 -11.53 10.44 7.13
N GLU A 66 -12.30 10.98 6.19
CA GLU A 66 -13.67 10.49 5.96
C GLU A 66 -13.68 9.06 5.41
N ILE A 67 -12.71 8.74 4.56
CA ILE A 67 -12.56 7.38 4.04
C ILE A 67 -12.29 6.40 5.20
N LEU A 68 -11.31 6.72 6.05
CA LEU A 68 -10.95 5.86 7.19
C LEU A 68 -12.10 5.59 8.18
N LYS A 69 -12.92 6.59 8.46
CA LYS A 69 -14.08 6.43 9.36
C LYS A 69 -15.04 5.31 8.98
N SER A 70 -15.20 5.11 7.67
CA SER A 70 -16.24 4.23 7.14
C SER A 70 -15.87 2.74 7.06
N LEU A 71 -14.65 2.38 7.43
CA LEU A 71 -14.13 1.01 7.25
C LEU A 71 -14.11 0.17 8.53
N GLN A 72 -14.54 -1.10 8.42
CA GLN A 72 -14.51 -2.06 9.52
C GLN A 72 -14.28 -3.49 8.99
N HIS A 73 -13.06 -4.02 9.16
CA HIS A 73 -12.69 -5.36 8.64
C HIS A 73 -11.42 -5.86 9.36
N ASP A 74 -11.32 -7.17 9.57
CA ASP A 74 -10.19 -7.79 10.31
C ASP A 74 -8.81 -7.52 9.71
N ASN A 75 -8.74 -7.40 8.38
CA ASN A 75 -7.51 -7.12 7.65
C ASN A 75 -7.34 -5.68 7.14
N ILE A 76 -7.92 -4.71 7.88
CA ILE A 76 -7.75 -3.27 7.61
C ILE A 76 -7.53 -2.50 8.93
N VAL A 77 -6.57 -1.56 8.91
CA VAL A 77 -6.16 -0.78 10.10
C VAL A 77 -7.29 0.06 10.74
N LYS A 78 -7.28 0.16 12.08
CA LYS A 78 -8.41 0.77 12.85
C LYS A 78 -8.29 2.28 13.14
N TYR A 79 -9.38 3.02 12.90
CA TYR A 79 -9.49 4.46 13.20
C TYR A 79 -9.91 4.72 14.65
N LYS A 80 -9.32 5.76 15.26
CA LYS A 80 -9.64 6.15 16.65
C LYS A 80 -10.24 7.56 16.80
N GLY A 81 -9.65 8.58 16.18
CA GLY A 81 -10.18 9.95 16.29
C GLY A 81 -9.35 11.09 15.70
N VAL A 82 -9.58 12.30 16.20
CA VAL A 82 -9.04 13.55 15.63
C VAL A 82 -8.84 14.64 16.71
N CYS A 83 -7.92 15.59 16.46
CA CYS A 83 -7.64 16.71 17.40
C CYS A 83 -7.65 18.09 16.72
N TYR A 84 -8.60 18.95 17.10
CA TYR A 84 -8.74 20.31 16.56
C TYR A 84 -8.33 21.42 17.56
N SER A 85 -7.63 21.05 18.64
CA SER A 85 -7.26 22.00 19.71
C SER A 85 -6.65 23.32 19.25
N ALA A 86 -5.83 23.29 18.20
CA ALA A 86 -5.11 24.47 17.71
C ALA A 86 -5.60 24.96 16.35
N GLY A 87 -6.88 24.74 16.04
CA GLY A 87 -7.47 25.21 14.77
C GLY A 87 -7.27 24.27 13.61
N ARG A 88 -7.99 24.54 12.51
CA ARG A 88 -8.00 23.68 11.31
C ARG A 88 -6.60 23.50 10.69
N ARG A 89 -5.81 24.57 10.68
CA ARG A 89 -4.49 24.52 10.05
C ARG A 89 -3.48 23.63 10.81
N ASN A 90 -3.78 23.30 12.07
CA ASN A 90 -2.94 22.41 12.88
C ASN A 90 -3.61 21.07 13.24
N LEU A 91 -4.41 20.52 12.31
CA LEU A 91 -5.16 19.27 12.53
C LEU A 91 -4.28 18.01 12.67
N LYS A 92 -4.61 17.12 13.62
CA LYS A 92 -3.91 15.84 13.82
C LYS A 92 -4.86 14.60 13.74
N LEU A 93 -4.35 13.49 13.19
CA LEU A 93 -5.10 12.21 13.06
C LEU A 93 -4.59 11.13 14.04
N ILE A 94 -5.50 10.43 14.72
CA ILE A 94 -5.15 9.35 15.67
C ILE A 94 -5.56 7.95 15.19
N MET A 95 -4.59 7.03 15.12
CA MET A 95 -4.82 5.61 14.72
C MET A 95 -4.24 4.62 15.74
N GLU A 96 -4.56 3.32 15.59
CA GLU A 96 -4.03 2.27 16.48
C GLU A 96 -2.53 2.02 16.26
N TYR A 97 -1.79 1.75 17.34
CA TYR A 97 -0.35 1.43 17.27
C TYR A 97 -0.11 -0.08 17.19
N LEU A 98 0.67 -0.50 16.20
CA LEU A 98 1.02 -1.90 15.99
C LEU A 98 2.53 -2.09 16.13
N PRO A 99 2.99 -2.68 17.25
CA PRO A 99 4.43 -2.72 17.56
C PRO A 99 5.38 -3.38 16.53
N TYR A 100 4.91 -4.34 15.73
CA TYR A 100 5.81 -5.02 14.78
C TYR A 100 6.16 -4.21 13.53
N GLY A 101 5.38 -3.16 13.21
CA GLY A 101 5.70 -2.26 12.10
C GLY A 101 5.33 -2.81 10.73
N SER A 102 6.03 -2.33 9.69
CA SER A 102 5.69 -2.67 8.29
C SER A 102 6.20 -4.06 7.88
N LEU A 103 5.49 -4.68 6.93
CA LEU A 103 5.84 -6.03 6.44
C LEU A 103 7.22 -6.06 5.77
N ARG A 104 7.57 -4.96 5.10
CA ARG A 104 8.92 -4.77 4.56
C ARG A 104 9.99 -4.93 5.64
N ASP A 105 9.84 -4.20 6.75
CA ASP A 105 10.83 -4.22 7.84
C ASP A 105 10.83 -5.56 8.59
N TYR A 106 9.63 -6.07 8.88
CA TYR A 106 9.46 -7.32 9.64
C TYR A 106 10.10 -8.52 8.93
N LEU A 107 9.85 -8.65 7.63
CA LEU A 107 10.31 -9.81 6.86
C LEU A 107 11.84 -9.87 6.71
N GLN A 108 12.49 -8.72 6.51
CA GLN A 108 13.97 -8.69 6.46
C GLN A 108 14.58 -9.18 7.78
N LYS A 109 13.93 -8.84 8.89
CA LYS A 109 14.40 -9.21 10.22
C LYS A 109 14.22 -10.70 10.55
N HIS A 110 13.02 -11.22 10.32
CA HIS A 110 12.66 -12.57 10.77
C HIS A 110 12.60 -13.61 9.63
N LYS A 111 13.42 -13.43 8.59
CA LYS A 111 13.30 -14.25 7.37
C LYS A 111 13.70 -15.72 7.51
N GLU A 112 14.60 -16.04 8.44
CA GLU A 112 15.02 -17.43 8.64
C GLU A 112 13.93 -18.32 9.28
N ARG A 113 12.80 -17.72 9.68
CA ARG A 113 11.65 -18.49 10.21
C ARG A 113 10.38 -18.40 9.32
N ILE A 114 10.54 -17.96 8.07
CA ILE A 114 9.41 -17.75 7.15
C ILE A 114 9.59 -18.53 5.83
N ASP A 115 8.75 -19.53 5.59
CA ASP A 115 8.84 -20.39 4.39
C ASP A 115 7.76 -20.06 3.34
N HIS A 116 7.74 -20.81 2.23
CA HIS A 116 6.78 -20.59 1.14
C HIS A 116 5.31 -20.72 1.55
N ILE A 117 5.03 -21.59 2.53
CA ILE A 117 3.67 -21.76 3.05
C ILE A 117 3.20 -20.49 3.78
N LYS A 118 4.09 -19.92 4.60
CA LYS A 118 3.80 -18.67 5.34
C LYS A 118 3.59 -17.47 4.40
N LEU A 119 4.43 -17.35 3.37
CA LEU A 119 4.26 -16.30 2.35
C LEU A 119 2.86 -16.29 1.74
N LEU A 120 2.31 -17.48 1.47
CA LEU A 120 0.98 -17.60 0.86
C LEU A 120 -0.17 -17.30 1.84
N GLN A 121 0.08 -17.44 3.15
CA GLN A 121 -0.90 -17.01 4.16
C GLN A 121 -1.07 -15.48 4.12
N TYR A 122 0.04 -14.73 4.09
CA TYR A 122 -0.02 -13.27 3.98
C TYR A 122 -0.75 -12.84 2.69
N THR A 123 -0.44 -13.53 1.59
CA THR A 123 -1.03 -13.23 0.28
C THR A 123 -2.56 -13.32 0.29
N SER A 124 -3.07 -14.37 0.92
CA SER A 124 -4.51 -14.62 1.02
C SER A 124 -5.25 -13.50 1.78
N GLN A 125 -4.65 -13.02 2.87
CA GLN A 125 -5.27 -11.99 3.70
C GLN A 125 -5.33 -10.64 2.99
N ILE A 126 -4.30 -10.33 2.21
CA ILE A 126 -4.28 -9.13 1.37
C ILE A 126 -5.42 -9.17 0.32
N CYS A 127 -5.64 -10.35 -0.28
CA CYS A 127 -6.75 -10.53 -1.24
C CYS A 127 -8.13 -10.27 -0.62
N LYS A 128 -8.35 -10.76 0.61
CA LYS A 128 -9.63 -10.53 1.30
C LYS A 128 -9.90 -9.05 1.58
N GLY A 129 -8.86 -8.31 1.97
CA GLY A 129 -8.98 -6.87 2.22
C GLY A 129 -9.37 -6.07 0.99
N MET A 130 -8.73 -6.35 -0.14
CA MET A 130 -9.02 -5.64 -1.40
C MET A 130 -10.42 -5.95 -1.93
N GLU A 131 -10.87 -7.18 -1.71
CA GLU A 131 -12.23 -7.58 -2.08
C GLU A 131 -13.29 -6.71 -1.36
N TYR A 132 -13.04 -6.41 -0.09
CA TYR A 132 -13.93 -5.56 0.72
C TYR A 132 -13.95 -4.10 0.25
N LEU A 133 -12.78 -3.54 -0.05
CA LEU A 133 -12.68 -2.18 -0.62
C LEU A 133 -13.48 -2.04 -1.92
N GLY A 134 -13.48 -3.10 -2.74
CA GLY A 134 -14.21 -3.12 -4.00
C GLY A 134 -15.71 -2.94 -3.86
N THR A 135 -16.29 -3.48 -2.78
CA THR A 135 -17.73 -3.38 -2.55
C THR A 135 -18.18 -1.96 -2.23
N LYS A 136 -17.26 -1.11 -1.77
CA LYS A 136 -17.55 0.30 -1.51
C LYS A 136 -17.16 1.23 -2.67
N ARG A 137 -16.68 0.65 -3.77
CA ARG A 137 -16.20 1.39 -4.94
C ARG A 137 -15.01 2.34 -4.64
N TYR A 138 -14.09 1.88 -3.78
CA TYR A 138 -12.85 2.62 -3.46
C TYR A 138 -11.64 2.08 -4.26
N ILE A 139 -10.75 2.99 -4.70
CA ILE A 139 -9.49 2.61 -5.38
C ILE A 139 -8.28 3.04 -4.53
N HIS A 140 -7.46 2.08 -4.08
CA HIS A 140 -6.37 2.36 -3.10
C HIS A 140 -5.22 3.22 -3.67
N ARG A 141 -4.70 2.85 -4.84
CA ARG A 141 -3.66 3.62 -5.59
C ARG A 141 -2.19 3.50 -5.13
N ASP A 142 -1.90 2.92 -3.98
CA ASP A 142 -0.51 2.82 -3.46
C ASP A 142 -0.13 1.46 -2.82
N LEU A 143 -0.53 0.34 -3.45
CA LEU A 143 -0.22 -1.00 -2.94
C LEU A 143 1.27 -1.36 -3.05
N ALA A 144 1.89 -1.66 -1.91
CA ALA A 144 3.30 -2.09 -1.83
C ALA A 144 3.61 -2.60 -0.41
N THR A 145 4.68 -3.39 -0.26
CA THR A 145 4.99 -4.00 1.05
C THR A 145 5.36 -2.96 2.13
N ARG A 146 5.86 -1.79 1.73
CA ARG A 146 6.12 -0.70 2.67
C ARG A 146 4.83 -0.15 3.32
N ASN A 147 3.70 -0.35 2.65
CA ASN A 147 2.41 0.17 3.11
C ASN A 147 1.44 -0.89 3.70
N ILE A 148 1.95 -2.08 3.99
CA ILE A 148 1.22 -3.12 4.77
C ILE A 148 1.80 -3.18 6.19
N LEU A 149 0.97 -3.51 7.18
CA LEU A 149 1.39 -3.58 8.61
C LEU A 149 1.17 -4.96 9.24
N VAL A 150 1.94 -5.28 10.28
CA VAL A 150 1.90 -6.61 10.94
C VAL A 150 1.33 -6.54 12.36
N GLU A 151 0.30 -7.33 12.66
CA GLU A 151 -0.25 -7.41 14.02
C GLU A 151 0.40 -8.52 14.86
N ASN A 152 0.51 -9.73 14.28
CA ASN A 152 1.29 -10.81 14.88
C ASN A 152 1.76 -11.81 13.82
N GLU A 153 2.43 -12.88 14.24
CA GLU A 153 3.01 -13.86 13.31
C GLU A 153 2.01 -14.60 12.43
N ASN A 154 0.70 -14.45 12.70
CA ASN A 154 -0.35 -15.05 11.85
C ASN A 154 -1.38 -14.05 11.27
N ARG A 155 -1.10 -12.75 11.27
CA ARG A 155 -2.06 -11.76 10.70
C ARG A 155 -1.45 -10.42 10.25
N VAL A 156 -1.88 -9.94 9.08
CA VAL A 156 -1.49 -8.62 8.54
C VAL A 156 -2.70 -7.75 8.15
N LYS A 157 -2.49 -6.43 8.05
CA LYS A 157 -3.55 -5.47 7.67
C LYS A 157 -3.07 -4.42 6.63
N ILE A 158 -3.98 -3.95 5.77
CA ILE A 158 -3.65 -2.91 4.77
C ILE A 158 -3.59 -1.50 5.41
N GLY A 159 -2.62 -0.69 4.97
CA GLY A 159 -2.37 0.64 5.54
C GLY A 159 -2.33 1.82 4.55
N ASP A 160 -1.54 2.84 4.90
CA ASP A 160 -1.50 4.17 4.23
C ASP A 160 -2.53 4.43 3.11
N PHE A 161 -3.66 5.03 3.49
CA PHE A 161 -4.75 5.38 2.56
C PHE A 161 -4.65 6.83 2.03
N GLY A 162 -3.43 7.34 1.90
CA GLY A 162 -3.21 8.76 1.55
C GLY A 162 -3.49 9.18 0.11
N LEU A 163 -3.62 8.23 -0.81
CA LEU A 163 -3.92 8.52 -2.21
C LEU A 163 -5.28 7.97 -2.68
N THR A 164 -6.06 7.38 -1.78
CA THR A 164 -7.31 6.68 -2.12
C THR A 164 -8.43 7.59 -2.69
N LYS A 165 -9.16 7.10 -3.70
CA LYS A 165 -10.25 7.85 -4.38
C LYS A 165 -11.57 7.05 -4.46
N VAL A 166 -12.68 7.76 -4.64
CA VAL A 166 -14.01 7.15 -4.84
C VAL A 166 -14.44 7.25 -6.31
N LEU A 167 -14.98 6.16 -6.87
CA LEU A 167 -15.51 6.16 -8.24
C LEU A 167 -16.78 7.00 -8.35
N PRO A 168 -16.95 7.69 -9.50
CA PRO A 168 -18.27 8.29 -9.78
C PRO A 168 -19.36 7.22 -9.93
N GLN A 169 -20.62 7.64 -9.80
CA GLN A 169 -21.77 6.72 -9.90
C GLN A 169 -21.90 6.06 -11.26
N ASP A 170 -21.50 6.81 -12.29
CA ASP A 170 -21.80 6.45 -13.68
C ASP A 170 -20.65 5.74 -14.41
N LYS A 171 -19.43 5.83 -13.89
CA LYS A 171 -18.26 5.30 -14.60
C LYS A 171 -17.45 4.27 -13.81
N GLU A 172 -16.51 3.62 -14.50
CA GLU A 172 -15.66 2.59 -13.91
C GLU A 172 -14.17 2.99 -13.84
N PTR A 173 -13.89 4.29 -13.98
CA PTR A 173 -12.51 4.80 -13.79
C PTR A 173 -12.54 6.21 -13.24
O PTR A 173 -13.55 6.91 -13.36
CB PTR A 173 -11.70 4.70 -15.09
CG PTR A 173 -12.15 5.65 -16.18
CD1 PTR A 173 -12.96 5.20 -17.23
CD2 PTR A 173 -11.76 6.99 -16.16
CE1 PTR A 173 -13.36 6.07 -18.24
CE2 PTR A 173 -12.16 7.86 -17.15
CZ PTR A 173 -12.96 7.41 -18.21
OH PTR A 173 -13.36 8.33 -19.16
P PTR A 173 -13.30 8.13 -20.76
O1P PTR A 173 -11.88 7.67 -21.03
O2P PTR A 173 -14.36 7.11 -21.07
O3P PTR A 173 -13.60 9.51 -21.29
N PTR A 174 -11.44 6.63 -12.61
CA PTR A 174 -11.27 8.01 -12.14
C PTR A 174 -10.00 8.58 -12.74
O PTR A 174 -8.95 7.93 -12.74
CB PTR A 174 -11.18 8.08 -10.60
CG PTR A 174 -11.19 9.54 -10.18
CD1 PTR A 174 -10.00 10.20 -9.84
CD2 PTR A 174 -12.39 10.24 -10.13
CE1 PTR A 174 -10.02 11.54 -9.45
CE2 PTR A 174 -12.42 11.58 -9.76
CZ PTR A 174 -11.24 12.24 -9.41
OH PTR A 174 -11.30 13.57 -9.06
P PTR A 174 -10.77 14.22 -7.68
O1P PTR A 174 -9.28 13.97 -7.66
O2P PTR A 174 -11.12 15.68 -7.85
O3P PTR A 174 -11.56 13.50 -6.63
N LYS A 175 -10.09 9.82 -13.23
CA LYS A 175 -8.96 10.53 -13.82
C LYS A 175 -8.48 11.63 -12.87
N VAL A 176 -7.20 11.60 -12.53
CA VAL A 176 -6.66 12.54 -11.53
C VAL A 176 -6.17 13.86 -12.14
N LYS A 177 -6.62 14.97 -11.55
CA LYS A 177 -6.19 16.31 -11.97
C LYS A 177 -4.86 16.67 -11.30
N GLU A 178 -3.81 16.80 -12.10
CA GLU A 178 -2.46 17.11 -11.61
C GLU A 178 -1.86 15.95 -10.81
N PRO A 179 -1.04 15.10 -11.47
CA PRO A 179 -0.33 14.03 -10.76
C PRO A 179 0.67 14.57 -9.76
N GLY A 180 0.90 13.83 -8.68
CA GLY A 180 1.83 14.25 -7.63
C GLY A 180 3.24 13.75 -7.89
N GLU A 181 3.92 13.39 -6.81
CA GLU A 181 5.23 12.74 -6.86
C GLU A 181 4.97 11.23 -6.75
N SER A 182 5.17 10.51 -7.85
CA SER A 182 4.59 9.18 -8.06
C SER A 182 5.55 8.00 -7.91
N PRO A 183 5.05 6.83 -7.47
CA PRO A 183 5.84 5.59 -7.47
C PRO A 183 5.76 4.85 -8.82
N ILE A 184 6.50 5.34 -9.81
CA ILE A 184 6.38 4.88 -11.20
C ILE A 184 6.64 3.37 -11.45
N PHE A 185 7.54 2.76 -10.68
CA PHE A 185 7.90 1.36 -10.92
C PHE A 185 6.87 0.33 -10.39
N TRP A 186 5.77 0.81 -9.79
CA TRP A 186 4.62 -0.03 -9.38
C TRP A 186 3.33 0.26 -10.21
N TYR A 187 3.40 1.21 -11.15
CA TYR A 187 2.22 1.73 -11.88
C TYR A 187 1.89 0.99 -13.19
N ALA A 188 0.61 0.91 -13.55
CA ALA A 188 0.17 0.32 -14.82
C ALA A 188 0.39 1.29 -16.01
N PRO A 189 0.52 0.77 -17.25
CA PRO A 189 0.76 1.65 -18.41
C PRO A 189 -0.25 2.78 -18.65
N GLU A 190 -1.55 2.49 -18.55
CA GLU A 190 -2.57 3.54 -18.75
C GLU A 190 -2.65 4.56 -17.61
N SER A 191 -2.05 4.24 -16.47
CA SER A 191 -1.85 5.21 -15.39
C SER A 191 -0.70 6.18 -15.74
N LEU A 192 0.37 5.63 -16.32
CA LEU A 192 1.53 6.44 -16.70
C LEU A 192 1.23 7.42 -17.84
N THR A 193 0.51 6.96 -18.88
CA THR A 193 0.26 7.78 -20.07
C THR A 193 -0.98 8.70 -19.98
N GLU A 194 -2.03 8.25 -19.31
CA GLU A 194 -3.31 8.97 -19.28
C GLU A 194 -3.84 9.36 -17.90
N SER A 195 -3.19 8.89 -16.83
CA SER A 195 -3.61 9.15 -15.45
C SER A 195 -5.00 8.58 -15.12
N LYS A 196 -5.29 7.39 -15.63
CA LYS A 196 -6.53 6.66 -15.32
C LYS A 196 -6.29 5.60 -14.24
N PHE A 197 -7.15 5.55 -13.22
CA PHE A 197 -7.02 4.56 -12.16
C PHE A 197 -8.34 3.79 -11.95
N SER A 198 -8.24 2.49 -11.67
CA SER A 198 -9.42 1.60 -11.61
C SER A 198 -9.15 0.37 -10.73
N VAL A 199 -10.14 -0.51 -10.59
CA VAL A 199 -9.94 -1.80 -9.92
C VAL A 199 -8.85 -2.56 -10.68
N ALA A 200 -8.87 -2.48 -12.01
CA ALA A 200 -7.85 -3.14 -12.86
C ALA A 200 -6.41 -2.66 -12.64
N SER A 201 -6.21 -1.37 -12.34
CA SER A 201 -4.85 -0.88 -12.06
C SER A 201 -4.38 -1.28 -10.65
N ASP A 202 -5.31 -1.47 -9.72
CA ASP A 202 -4.97 -2.08 -8.42
C ASP A 202 -4.50 -3.55 -8.59
N VAL A 203 -5.04 -4.26 -9.60
CA VAL A 203 -4.65 -5.65 -9.88
C VAL A 203 -3.22 -5.76 -10.47
N TRP A 204 -2.84 -4.85 -11.36
CA TRP A 204 -1.45 -4.77 -11.86
C TRP A 204 -0.46 -4.57 -10.70
N SER A 205 -0.82 -3.72 -9.75
CA SER A 205 0.03 -3.44 -8.56
C SER A 205 0.17 -4.64 -7.61
N PHE A 206 -0.91 -5.37 -7.38
CA PHE A 206 -0.88 -6.60 -6.60
C PHE A 206 0.12 -7.61 -7.18
N GLY A 207 0.24 -7.64 -8.51
CA GLY A 207 1.23 -8.48 -9.18
C GLY A 207 2.67 -8.20 -8.75
N VAL A 208 2.99 -6.92 -8.56
CA VAL A 208 4.34 -6.50 -8.15
C VAL A 208 4.59 -6.82 -6.66
N VAL A 209 3.55 -6.77 -5.83
CA VAL A 209 3.68 -7.16 -4.40
C VAL A 209 4.07 -8.65 -4.26
N LEU A 210 3.46 -9.49 -5.08
CA LEU A 210 3.76 -10.93 -5.11
C LEU A 210 5.22 -11.18 -5.52
N TYR A 211 5.73 -10.40 -6.47
CA TYR A 211 7.16 -10.42 -6.84
C TYR A 211 8.09 -9.98 -5.69
N GLU A 212 7.69 -8.92 -4.96
CA GLU A 212 8.44 -8.49 -3.76
C GLU A 212 8.61 -9.63 -2.75
N LEU A 213 7.52 -10.37 -2.50
CA LEU A 213 7.51 -11.43 -1.49
C LEU A 213 8.41 -12.63 -1.85
N PHE A 214 8.36 -13.09 -3.09
CA PHE A 214 9.13 -14.28 -3.50
C PHE A 214 10.62 -13.98 -3.83
N THR A 215 11.02 -12.71 -3.80
CA THR A 215 12.45 -12.32 -3.76
C THR A 215 12.92 -11.98 -2.33
N TYR A 216 12.06 -12.19 -1.33
CA TYR A 216 12.37 -11.90 0.08
C TYR A 216 12.85 -10.46 0.34
N ILE A 217 12.29 -9.52 -0.43
CA ILE A 217 12.59 -8.08 -0.32
C ILE A 217 14.08 -7.71 -0.36
N GLU A 218 14.86 -8.42 -1.18
CA GLU A 218 16.28 -8.08 -1.36
C GLU A 218 16.45 -6.80 -2.18
N LYS A 219 17.25 -5.87 -1.66
CA LYS A 219 17.51 -4.58 -2.32
C LYS A 219 17.92 -4.73 -3.78
N SER A 220 18.84 -5.66 -4.05
CA SER A 220 19.46 -5.77 -5.37
C SER A 220 18.60 -6.48 -6.41
N LYS A 221 17.43 -6.97 -6.01
CA LYS A 221 16.47 -7.58 -6.93
C LYS A 221 15.12 -6.84 -6.91
N SER A 222 15.13 -5.63 -6.37
CA SER A 222 13.92 -4.81 -6.26
C SER A 222 13.49 -4.30 -7.64
N PRO A 223 12.22 -3.87 -7.77
CA PRO A 223 11.74 -3.36 -9.06
C PRO A 223 12.53 -2.17 -9.64
N PRO A 224 12.87 -1.15 -8.82
CA PRO A 224 13.74 -0.08 -9.33
C PRO A 224 15.07 -0.58 -9.89
N ALA A 225 15.74 -1.48 -9.16
CA ALA A 225 17.01 -2.05 -9.59
C ALA A 225 16.91 -2.83 -10.91
N GLU A 226 15.90 -3.69 -11.01
CA GLU A 226 15.73 -4.53 -12.23
C GLU A 226 15.36 -3.73 -13.49
N PHE A 227 14.42 -2.80 -13.38
CA PHE A 227 13.99 -2.00 -14.54
C PHE A 227 15.09 -1.06 -15.06
N MET A 228 15.87 -0.46 -14.15
CA MET A 228 16.98 0.43 -14.55
C MET A 228 18.08 -0.33 -15.28
N ARG A 229 18.35 -1.55 -14.81
CA ARG A 229 19.24 -2.49 -15.50
C ARG A 229 18.77 -2.74 -16.93
N MET A 230 17.47 -3.00 -17.09
CA MET A 230 16.88 -3.30 -18.40
C MET A 230 16.85 -2.10 -19.35
N ILE A 231 16.71 -0.88 -18.82
CA ILE A 231 16.74 0.33 -19.65
C ILE A 231 18.13 0.51 -20.27
N GLY A 232 19.17 0.12 -19.53
CA GLY A 232 20.53 0.07 -20.06
C GLY A 232 21.38 1.28 -19.76
N ASN A 233 22.53 1.36 -20.44
CA ASN A 233 23.58 2.32 -20.11
C ASN A 233 23.66 3.56 -21.01
N ASP A 234 23.04 3.51 -22.19
CA ASP A 234 23.31 4.52 -23.23
C ASP A 234 22.52 5.81 -23.10
N LYS A 235 21.25 5.78 -23.50
CA LYS A 235 20.46 6.99 -23.75
C LYS A 235 20.23 7.80 -22.47
N GLN A 236 20.46 9.12 -22.47
CA GLN A 236 20.90 9.95 -23.62
C GLN A 236 19.74 10.38 -24.52
N GLY A 237 19.15 11.52 -24.19
CA GLY A 237 18.13 12.17 -25.02
C GLY A 237 16.70 12.12 -24.53
N GLN A 238 16.38 11.20 -23.62
CA GLN A 238 15.01 11.05 -23.10
C GLN A 238 14.94 11.05 -21.57
N SER A 239 13.73 11.24 -21.05
CA SER A 239 13.46 11.10 -19.62
C SER A 239 13.43 9.63 -19.21
N ILE A 240 13.62 9.35 -17.92
CA ILE A 240 13.56 7.98 -17.40
C ILE A 240 12.16 7.36 -17.58
N VAL A 241 11.11 8.16 -17.38
CA VAL A 241 9.73 7.66 -17.49
C VAL A 241 9.39 7.37 -18.96
N THR A 242 9.96 8.16 -19.87
CA THR A 242 9.79 7.95 -21.31
C THR A 242 10.39 6.62 -21.76
N HIS A 243 11.58 6.29 -21.24
CA HIS A 243 12.22 5.01 -21.52
C HIS A 243 11.40 3.82 -20.98
N LEU A 244 10.75 4.01 -19.83
CA LEU A 244 9.96 2.95 -19.19
C LEU A 244 8.66 2.64 -19.95
N ILE A 245 7.96 3.68 -20.38
CA ILE A 245 6.74 3.55 -21.18
C ILE A 245 7.00 2.78 -22.48
N GLU A 246 8.15 3.05 -23.11
CA GLU A 246 8.54 2.37 -24.35
C GLU A 246 8.91 0.90 -24.13
N LEU A 247 9.61 0.61 -23.04
CA LEU A 247 9.98 -0.76 -22.67
C LEU A 247 8.76 -1.65 -22.43
N LEU A 248 7.76 -1.10 -21.73
CA LEU A 248 6.53 -1.83 -21.44
C LEU A 248 5.69 -2.09 -22.72
N LYS A 249 5.65 -1.11 -23.64
CA LYS A 249 4.93 -1.30 -24.91
C LYS A 249 5.46 -2.48 -25.72
N ASN A 250 6.76 -2.72 -25.65
CA ASN A 250 7.40 -3.81 -26.37
C ASN A 250 7.53 -5.11 -25.56
N ASN A 251 6.61 -5.30 -24.61
CA ASN A 251 6.47 -6.53 -23.81
C ASN A 251 7.67 -6.93 -22.92
N GLY A 252 8.45 -5.94 -22.48
CA GLY A 252 9.46 -6.17 -21.45
C GLY A 252 8.83 -6.31 -20.06
N ARG A 253 9.28 -7.28 -19.28
CA ARG A 253 8.71 -7.57 -17.93
C ARG A 253 9.80 -8.03 -16.95
N LEU A 254 9.51 -7.97 -15.64
CA LEU A 254 10.42 -8.49 -14.59
C LEU A 254 10.53 -10.03 -14.67
N PRO A 255 11.71 -10.61 -14.36
CA PRO A 255 11.93 -12.06 -14.54
C PRO A 255 11.34 -12.95 -13.43
N ARG A 256 11.36 -14.26 -13.64
CA ARG A 256 10.95 -15.25 -12.60
C ARG A 256 11.98 -15.28 -11.48
N PRO A 257 11.55 -15.11 -10.22
CA PRO A 257 12.51 -15.25 -9.11
C PRO A 257 13.04 -16.67 -8.96
N ASP A 258 14.29 -16.81 -8.51
CA ASP A 258 14.92 -18.11 -8.29
C ASP A 258 14.05 -18.97 -7.34
N GLY A 259 13.61 -20.13 -7.82
CA GLY A 259 12.84 -21.08 -7.01
C GLY A 259 11.34 -20.83 -6.88
N CYS A 260 10.79 -19.94 -7.70
CA CYS A 260 9.34 -19.67 -7.69
C CYS A 260 8.56 -20.80 -8.39
N PRO A 261 7.49 -21.32 -7.76
CA PRO A 261 6.67 -22.37 -8.39
C PRO A 261 5.95 -21.93 -9.67
N ASP A 262 5.69 -22.88 -10.58
CA ASP A 262 5.03 -22.63 -11.86
C ASP A 262 3.71 -21.86 -11.70
N GLU A 263 2.87 -22.31 -10.78
CA GLU A 263 1.51 -21.78 -10.65
C GLU A 263 1.48 -20.36 -10.10
N ILE A 264 2.48 -20.00 -9.30
CA ILE A 264 2.59 -18.66 -8.74
C ILE A 264 3.14 -17.68 -9.78
N TYR A 265 4.09 -18.13 -10.60
CA TYR A 265 4.62 -17.29 -11.69
C TYR A 265 3.57 -16.98 -12.78
N MET A 266 2.71 -17.95 -13.07
CA MET A 266 1.61 -17.77 -14.03
C MET A 266 0.63 -16.66 -13.60
N ILE A 267 0.33 -16.58 -12.30
CA ILE A 267 -0.51 -15.51 -11.76
C ILE A 267 0.10 -14.12 -12.00
N MET A 268 1.41 -13.98 -11.77
CA MET A 268 2.11 -12.70 -12.02
C MET A 268 1.91 -12.23 -13.47
N THR A 269 2.16 -13.11 -14.42
CA THR A 269 2.10 -12.77 -15.85
C THR A 269 0.70 -12.31 -16.29
N GLU A 270 -0.33 -12.96 -15.75
CA GLU A 270 -1.72 -12.61 -16.05
C GLU A 270 -2.12 -11.22 -15.52
N CYS A 271 -1.64 -10.86 -14.32
CA CYS A 271 -1.88 -9.53 -13.76
C CYS A 271 -1.23 -8.40 -14.60
N TRP A 272 -0.12 -8.70 -15.28
CA TRP A 272 0.61 -7.70 -16.07
C TRP A 272 0.24 -7.70 -17.59
N ASN A 273 -1.05 -7.80 -17.91
CA ASN A 273 -1.54 -7.75 -19.31
C ASN A 273 -1.79 -6.30 -19.73
N ASN A 274 -1.37 -5.93 -20.94
CA ASN A 274 -1.58 -4.55 -21.44
C ASN A 274 -3.06 -4.15 -21.55
N ASN A 275 -3.92 -5.10 -21.92
CA ASN A 275 -5.36 -4.84 -22.06
C ASN A 275 -6.08 -4.91 -20.71
N VAL A 276 -6.72 -3.81 -20.31
CA VAL A 276 -7.42 -3.73 -19.02
C VAL A 276 -8.56 -4.75 -18.88
N ASN A 277 -9.21 -5.09 -20.00
CA ASN A 277 -10.34 -6.02 -20.00
C ASN A 277 -9.97 -7.51 -19.87
N GLN A 278 -8.67 -7.82 -19.88
CA GLN A 278 -8.20 -9.21 -19.78
C GLN A 278 -7.49 -9.57 -18.46
N ARG A 279 -7.51 -8.67 -17.47
CA ARG A 279 -6.89 -8.95 -16.16
C ARG A 279 -7.87 -9.68 -15.22
N PRO A 280 -7.37 -10.57 -14.34
CA PRO A 280 -8.25 -11.33 -13.41
C PRO A 280 -8.91 -10.51 -12.30
N SER A 281 -9.92 -11.09 -11.64
CA SER A 281 -10.64 -10.46 -10.53
C SER A 281 -10.10 -10.89 -9.17
N PHE A 282 -10.29 -10.06 -8.13
CA PHE A 282 -9.83 -10.41 -6.77
C PHE A 282 -10.57 -11.64 -6.21
N ARG A 283 -11.82 -11.84 -6.62
CA ARG A 283 -12.58 -13.07 -6.33
C ARG A 283 -11.83 -14.33 -6.74
N ASP A 284 -11.47 -14.40 -8.02
CA ASP A 284 -10.79 -15.58 -8.57
C ASP A 284 -9.37 -15.74 -7.99
N LEU A 285 -8.68 -14.64 -7.72
CA LEU A 285 -7.33 -14.69 -7.14
C LEU A 285 -7.31 -15.35 -5.76
N ALA A 286 -8.33 -15.06 -4.94
CA ALA A 286 -8.45 -15.68 -3.61
C ALA A 286 -8.63 -17.20 -3.68
N LEU A 287 -9.55 -17.65 -4.53
CA LEU A 287 -9.80 -19.09 -4.72
C LEU A 287 -8.55 -19.85 -5.18
N ARG A 288 -7.86 -19.29 -6.17
CA ARG A 288 -6.68 -19.93 -6.75
C ARG A 288 -5.52 -20.04 -5.74
N VAL A 289 -5.27 -18.97 -4.99
CA VAL A 289 -4.20 -18.96 -3.98
C VAL A 289 -4.46 -19.97 -2.85
N ASP A 290 -5.70 -20.04 -2.37
CA ASP A 290 -6.05 -20.99 -1.30
C ASP A 290 -5.85 -22.44 -1.73
N GLN A 291 -6.20 -22.76 -2.98
CA GLN A 291 -6.08 -24.13 -3.51
C GLN A 291 -4.62 -24.57 -3.66
N ILE A 292 -3.75 -23.66 -4.10
CA ILE A 292 -2.31 -23.93 -4.18
C ILE A 292 -1.71 -24.19 -2.79
N ARG A 293 -2.15 -23.43 -1.79
CA ARG A 293 -1.63 -23.61 -0.43
C ARG A 293 -2.04 -24.95 0.18
N ASP A 294 -3.25 -25.40 -0.13
CA ASP A 294 -3.73 -26.72 0.31
C ASP A 294 -2.97 -27.86 -0.36
N ASN A 295 -2.63 -27.70 -1.63
CA ASN A 295 -1.90 -28.72 -2.38
C ASN A 295 -0.46 -28.93 -1.90
N MET A 296 0.13 -27.91 -1.28
CA MET A 296 1.44 -28.04 -0.64
C MET A 296 1.34 -28.71 0.73
N ALA A 297 0.16 -28.63 1.35
CA ALA A 297 -0.04 -29.07 2.74
C ALA A 297 0.30 -30.54 2.98
N GLY A 298 -0.36 -31.43 2.25
CA GLY A 298 -0.20 -32.88 2.46
C GLY A 298 1.18 -33.37 2.08
C4 7GY B . -2.29 6.76 8.20
C7 7GY B . -2.07 4.04 8.63
C6 7GY B . -2.99 4.52 7.71
C9 7GY B . -0.23 4.31 10.25
C13 7GY B . 0.33 2.95 12.16
C8 7GY B . -1.25 4.91 9.33
C18 7GY B . 3.87 1.98 13.01
C1 7GY B . -1.13 7.74 11.20
C2 7GY B . -0.52 7.29 9.88
C3 7GY B . -1.36 6.29 9.13
C5 7GY B . -3.09 5.88 7.48
C10 7GY B . 1.14 4.40 9.96
C11 7GY B . 2.09 3.76 10.75
C12 7GY B . 1.70 3.02 11.86
C14 7GY B . -0.63 3.59 11.38
N15 7GY B . 0.22 2.18 13.28
N16 7GY B . 1.44 1.74 13.71
C17 7GY B . 2.38 2.22 12.88
O19 7GY B . 4.66 2.53 12.22
N20 7GY B . 4.28 1.20 13.99
O21 7GY B . -3.95 6.36 6.53
#